data_5CS5
#
_entry.id   5CS5
#
_cell.length_a   53.775
_cell.length_b   63.630
_cell.length_c   57.395
_cell.angle_alpha   90.00
_cell.angle_beta   95.36
_cell.angle_gamma   90.00
#
_symmetry.space_group_name_H-M   'P 1 21 1'
#
loop_
_entity.id
_entity.type
_entity.pdbx_description
1 polymer 'Hepatocyte growth factor'
2 non-polymer "PIPERAZINE-N,N'-BIS(2-ETHANESULFONIC ACID)"
3 water water
#
_entity_poly.entity_id   1
_entity_poly.type   'polypeptide(L)'
_entity_poly.pdbx_seq_one_letter_code
;YVEGQRKRRNTIHEFKKSAKTTLIKIDPALKIKTKKVNTADQCANRCTRNKGLPFTCKAFVFDKARKQCLWFPFNSMSSG
VKKEFGHEFDLYENKDYIRNCIIGKGRSYKGTVSITKSGIKCQPWSSMIPHEHSFLPSSYRGKDLQENYCRNPRGEEGGP
WCFTSNPEVRYEVCDIPQCSEVE
;
_entity_poly.pdbx_strand_id   A,B
#
loop_
_chem_comp.id
_chem_comp.type
_chem_comp.name
_chem_comp.formula
PIN non-polymer 'PIPERAZINE-N,N'-BIS(2-ETHANESULFONIC ACID)' 'C8 H18 N2 O6 S2'
#
# COMPACT_ATOMS: atom_id res chain seq x y z
N THR A 11 -4.52 11.24 -8.17
CA THR A 11 -3.22 10.85 -7.55
C THR A 11 -3.21 11.04 -6.01
N ILE A 12 -3.90 12.07 -5.54
CA ILE A 12 -3.90 12.43 -4.12
C ILE A 12 -4.54 11.35 -3.22
N HIS A 13 -5.26 10.41 -3.84
CA HIS A 13 -5.95 9.33 -3.15
C HIS A 13 -5.04 8.14 -2.77
N GLU A 14 -3.83 8.13 -3.31
N GLU A 14 -3.84 8.12 -3.33
CA GLU A 14 -2.83 7.12 -2.95
CA GLU A 14 -2.85 7.11 -2.95
C GLU A 14 -2.16 7.48 -1.62
C GLU A 14 -2.16 7.48 -1.62
N PHE A 15 -2.67 8.53 -0.98
CA PHE A 15 -2.12 9.06 0.26
C PHE A 15 -3.14 9.09 1.40
N LYS A 16 -2.66 8.81 2.60
CA LYS A 16 -3.44 9.00 3.81
C LYS A 16 -3.30 10.45 4.27
N LYS A 17 -4.44 11.11 4.43
CA LYS A 17 -4.46 12.54 4.76
C LYS A 17 -4.70 12.78 6.24
N SER A 18 -3.80 13.54 6.86
CA SER A 18 -3.98 14.01 8.23
C SER A 18 -4.18 15.53 8.25
N ALA A 19 -5.41 15.97 8.51
CA ALA A 19 -5.74 17.40 8.47
C ALA A 19 -5.01 18.18 9.55
N LYS A 20 -4.70 19.45 9.24
CA LYS A 20 -4.16 20.39 10.22
C LYS A 20 -2.87 19.90 10.88
N THR A 21 -2.02 19.24 10.10
CA THR A 21 -0.83 18.55 10.62
C THR A 21 0.38 18.79 9.69
N THR A 22 1.55 18.95 10.28
CA THR A 22 2.81 18.96 9.54
C THR A 22 3.83 18.10 10.27
N LEU A 23 5.04 17.96 9.69
CA LEU A 23 6.15 17.20 10.27
C LEU A 23 7.43 18.04 10.33
N ILE A 24 8.25 17.83 11.39
CA ILE A 24 9.56 18.51 11.53
C ILE A 24 10.70 17.52 11.83
N LYS A 25 11.79 17.64 11.08
CA LYS A 25 12.96 16.77 11.28
C LYS A 25 13.74 17.08 12.57
N ILE A 26 14.35 16.04 13.16
CA ILE A 26 15.26 16.22 14.30
C ILE A 26 16.70 15.92 13.90
N ASP A 27 16.84 15.19 12.78
CA ASP A 27 18.13 14.86 12.19
C ASP A 27 18.31 15.75 10.95
N PRO A 28 19.17 16.79 11.05
CA PRO A 28 19.27 17.80 9.99
C PRO A 28 19.93 17.29 8.71
N ALA A 29 20.25 16.00 8.67
CA ALA A 29 20.81 15.36 7.49
C ALA A 29 19.70 14.73 6.62
N LEU A 30 18.46 14.79 7.11
CA LEU A 30 17.30 14.36 6.33
C LEU A 30 17.01 15.38 5.24
N LYS A 31 16.88 14.89 4.00
CA LYS A 31 16.63 15.74 2.85
C LYS A 31 15.20 16.27 2.82
N ILE A 32 15.02 17.50 2.34
CA ILE A 32 13.69 18.06 2.07
C ILE A 32 13.75 18.83 0.75
N LYS A 33 12.61 19.00 0.12
CA LYS A 33 12.49 19.87 -1.05
C LYS A 33 11.17 20.62 -0.91
N THR A 34 11.19 21.91 -1.22
CA THR A 34 9.97 22.69 -1.18
C THR A 34 9.75 23.41 -2.52
N LYS A 35 8.50 23.80 -2.77
CA LYS A 35 8.17 24.59 -3.94
C LYS A 35 6.81 25.26 -3.78
N LYS A 36 6.74 26.53 -4.19
CA LYS A 36 5.47 27.23 -4.29
C LYS A 36 4.69 26.62 -5.45
N VAL A 37 3.44 26.26 -5.17
CA VAL A 37 2.60 25.53 -6.11
C VAL A 37 1.19 26.17 -6.06
N ASN A 38 0.19 25.56 -6.70
CA ASN A 38 -1.17 26.10 -6.60
C ASN A 38 -2.10 25.29 -5.69
N THR A 39 -2.09 23.97 -5.86
CA THR A 39 -2.94 23.05 -5.09
C THR A 39 -2.19 21.82 -4.57
N ALA A 40 -2.78 21.18 -3.55
CA ALA A 40 -2.23 19.97 -2.95
C ALA A 40 -2.12 18.82 -3.95
N ASP A 41 -3.06 18.77 -4.88
CA ASP A 41 -3.05 17.79 -5.98
C ASP A 41 -1.75 17.82 -6.79
N GLN A 42 -1.16 19.01 -6.92
CA GLN A 42 0.09 19.19 -7.66
C GLN A 42 1.29 18.64 -6.88
N CYS A 43 1.23 18.71 -5.55
CA CYS A 43 2.27 18.09 -4.71
C CYS A 43 2.21 16.58 -4.82
N ALA A 44 0.99 16.03 -4.82
CA ALA A 44 0.76 14.59 -4.89
C ALA A 44 1.35 14.03 -6.17
N ASN A 45 1.07 14.72 -7.27
CA ASN A 45 1.56 14.34 -8.60
C ASN A 45 3.08 14.27 -8.64
N ARG A 46 3.74 15.32 -8.16
CA ARG A 46 5.20 15.35 -8.12
C ARG A 46 5.78 14.26 -7.19
N CYS A 47 5.11 14.00 -6.08
CA CYS A 47 5.54 12.95 -5.14
C CYS A 47 5.35 11.54 -5.74
N THR A 48 4.20 11.31 -6.38
CA THR A 48 3.93 10.06 -7.12
C THR A 48 4.93 9.83 -8.27
N ARG A 49 5.09 10.83 -9.13
CA ARG A 49 6.06 10.74 -10.24
C ARG A 49 7.50 10.68 -9.72
N ASN A 50 7.70 11.18 -8.50
CA ASN A 50 9.02 11.31 -7.84
C ASN A 50 10.02 12.04 -8.74
N LYS A 51 9.52 13.05 -9.43
CA LYS A 51 10.26 13.77 -10.46
C LYS A 51 11.04 14.92 -9.87
N GLY A 52 12.36 14.92 -10.10
CA GLY A 52 13.23 16.01 -9.64
C GLY A 52 13.44 16.07 -8.14
N LEU A 53 13.15 14.97 -7.45
CA LEU A 53 13.42 14.86 -6.02
C LEU A 53 14.59 13.92 -5.80
N PRO A 54 15.65 14.38 -5.08
CA PRO A 54 16.84 13.56 -4.87
C PRO A 54 16.71 12.53 -3.74
N PHE A 55 15.51 11.93 -3.61
CA PHE A 55 15.22 10.95 -2.57
C PHE A 55 13.93 10.24 -2.91
N THR A 56 13.59 9.20 -2.17
CA THR A 56 12.29 8.58 -2.34
C THR A 56 11.24 9.37 -1.57
N CYS A 57 10.26 9.93 -2.29
CA CYS A 57 9.21 10.70 -1.60
C CYS A 57 8.22 9.78 -0.89
N LYS A 58 8.12 9.95 0.44
CA LYS A 58 7.26 9.10 1.25
C LYS A 58 6.05 9.86 1.80
N ALA A 59 6.14 11.18 1.84
CA ALA A 59 5.05 12.03 2.30
C ALA A 59 5.29 13.44 1.83
N PHE A 60 4.24 14.25 1.89
CA PHE A 60 4.42 15.66 1.66
C PHE A 60 3.44 16.45 2.53
N VAL A 61 3.74 17.73 2.74
CA VAL A 61 2.79 18.60 3.39
C VAL A 61 2.45 19.71 2.40
N PHE A 62 1.18 20.10 2.36
CA PHE A 62 0.73 21.28 1.62
C PHE A 62 0.42 22.39 2.60
N ASP A 63 1.14 23.50 2.47
CA ASP A 63 0.83 24.71 3.21
C ASP A 63 -0.21 25.50 2.42
N LYS A 64 -1.45 25.49 2.93
CA LYS A 64 -2.57 26.14 2.26
C LYS A 64 -2.49 27.68 2.22
N ALA A 65 -1.81 28.25 3.21
CA ALA A 65 -1.63 29.71 3.34
C ALA A 65 -0.54 30.25 2.43
N ARG A 66 0.50 29.44 2.21
CA ARG A 66 1.62 29.82 1.35
C ARG A 66 1.57 29.13 -0.02
N LYS A 67 0.62 28.20 -0.18
CA LYS A 67 0.52 27.33 -1.35
C LYS A 67 1.88 26.70 -1.71
N GLN A 68 2.53 26.14 -0.69
CA GLN A 68 3.85 25.55 -0.79
C GLN A 68 3.74 24.05 -0.54
N CYS A 69 4.44 23.26 -1.35
CA CYS A 69 4.61 21.82 -1.12
C CYS A 69 5.90 21.60 -0.35
N LEU A 70 5.85 20.74 0.66
CA LEU A 70 7.07 20.25 1.28
C LEU A 70 7.14 18.75 1.10
N TRP A 71 8.12 18.25 0.31
CA TRP A 71 8.23 16.81 0.05
C TRP A 71 9.30 16.21 0.95
N PHE A 72 9.01 15.02 1.49
CA PHE A 72 9.88 14.39 2.48
C PHE A 72 10.20 12.94 2.12
N PRO A 73 11.44 12.50 2.43
CA PRO A 73 11.78 11.08 2.37
C PRO A 73 11.52 10.40 3.73
N PHE A 74 10.52 10.90 4.46
CA PHE A 74 10.09 10.31 5.73
C PHE A 74 8.59 10.51 5.89
N ASN A 75 8.01 9.87 6.90
CA ASN A 75 6.63 10.07 7.26
C ASN A 75 6.51 10.20 8.78
N SER A 76 5.30 10.16 9.34
CA SER A 76 5.13 10.35 10.79
C SER A 76 5.62 9.19 11.68
N MET A 77 5.87 8.03 11.06
CA MET A 77 6.34 6.84 11.80
C MET A 77 7.87 6.70 11.74
N SER A 78 8.51 7.60 10.99
CA SER A 78 9.96 7.63 10.89
C SER A 78 10.57 8.14 12.20
N SER A 79 11.67 7.53 12.62
CA SER A 79 12.32 7.87 13.87
C SER A 79 12.96 9.25 13.78
N GLY A 80 12.51 10.17 14.64
CA GLY A 80 13.09 11.50 14.71
C GLY A 80 12.44 12.50 13.77
N VAL A 81 11.11 12.52 13.78
CA VAL A 81 10.31 13.53 13.09
C VAL A 81 9.12 13.84 13.97
N LYS A 82 8.73 15.10 14.04
CA LYS A 82 7.69 15.50 14.99
C LYS A 82 6.39 15.91 14.31
N LYS A 83 5.35 15.13 14.55
CA LYS A 83 4.01 15.45 14.12
C LYS A 83 3.51 16.67 14.92
N GLU A 84 3.20 17.77 14.23
CA GLU A 84 2.77 19.02 14.87
C GLU A 84 1.48 19.60 14.28
N PHE A 85 0.63 20.13 15.15
CA PHE A 85 -0.58 20.85 14.74
C PHE A 85 -0.20 22.15 14.04
N GLY A 86 -0.98 22.51 13.03
CA GLY A 86 -0.86 23.79 12.32
C GLY A 86 -2.06 23.90 11.42
N HIS A 87 -2.89 24.93 11.63
CA HIS A 87 -4.17 25.02 10.90
C HIS A 87 -4.05 25.13 9.38
N GLU A 88 -2.94 25.69 8.90
CA GLU A 88 -2.75 25.88 7.45
C GLU A 88 -2.12 24.67 6.74
N PHE A 89 -1.73 23.64 7.50
CA PHE A 89 -1.07 22.47 6.91
C PHE A 89 -2.00 21.28 6.77
N ASP A 90 -1.80 20.49 5.71
CA ASP A 90 -2.37 19.15 5.62
C ASP A 90 -1.21 18.21 5.32
N LEU A 91 -1.15 17.08 6.03
CA LEU A 91 -0.10 16.09 5.79
C LEU A 91 -0.67 14.93 4.96
N TYR A 92 0.10 14.49 3.98
CA TYR A 92 -0.28 13.40 3.08
C TYR A 92 0.82 12.37 3.09
N GLU A 93 0.48 11.15 3.50
CA GLU A 93 1.50 10.11 3.61
C GLU A 93 1.29 9.02 2.57
N ASN A 94 2.36 8.71 1.85
CA ASN A 94 2.34 7.68 0.79
C ASN A 94 2.05 6.30 1.42
N LYS A 95 0.97 5.67 0.96
CA LYS A 95 0.50 4.39 1.51
C LYS A 95 1.50 3.26 1.40
N ASP A 96 2.38 3.30 0.38
CA ASP A 96 3.47 2.33 0.25
C ASP A 96 4.44 2.32 1.45
N TYR A 97 4.39 3.36 2.28
CA TYR A 97 5.33 3.50 3.40
C TYR A 97 4.66 3.52 4.77
N ILE A 98 3.38 3.18 4.80
CA ILE A 98 2.67 2.95 6.04
C ILE A 98 2.48 1.44 6.16
N ARG A 99 3.08 0.83 7.17
CA ARG A 99 3.05 -0.63 7.30
C ARG A 99 1.64 -1.20 7.13
N ASN A 100 1.48 -2.12 6.19
CA ASN A 100 0.15 -2.68 5.87
C ASN A 100 -0.09 -4.08 6.43
N CYS A 101 0.73 -4.46 7.40
CA CYS A 101 0.56 -5.72 8.11
C CYS A 101 0.65 -5.44 9.59
N ILE A 102 0.19 -6.40 10.38
CA ILE A 102 0.11 -6.19 11.81
C ILE A 102 1.21 -6.90 12.58
N ILE A 103 1.66 -6.22 13.63
CA ILE A 103 2.60 -6.77 14.60
C ILE A 103 1.81 -7.04 15.88
N GLY A 104 2.03 -8.20 16.49
CA GLY A 104 1.30 -8.57 17.70
C GLY A 104 -0.19 -8.56 17.39
N LYS A 105 -0.95 -7.81 18.18
CA LYS A 105 -2.40 -7.69 18.03
C LYS A 105 -2.78 -6.47 17.18
N GLY A 106 -1.76 -5.73 16.73
CA GLY A 106 -2.03 -4.60 15.85
C GLY A 106 -2.44 -3.32 16.54
N ARG A 107 -2.01 -3.15 17.80
CA ARG A 107 -2.17 -1.87 18.50
C ARG A 107 -1.64 -0.72 17.67
N SER A 108 -0.55 -0.95 16.94
CA SER A 108 0.11 0.12 16.22
C SER A 108 -0.33 0.27 14.77
N TYR A 109 -1.40 -0.42 14.36
CA TYR A 109 -1.82 -0.35 12.96
C TYR A 109 -2.38 1.04 12.61
N LYS A 110 -1.80 1.66 11.57
CA LYS A 110 -2.19 3.01 11.13
C LYS A 110 -2.46 3.10 9.64
N GLY A 111 -2.66 1.95 8.99
CA GLY A 111 -3.04 1.92 7.59
C GLY A 111 -4.47 2.37 7.34
N THR A 112 -4.89 2.34 6.07
CA THR A 112 -6.16 2.93 5.66
C THR A 112 -7.23 1.91 5.26
N VAL A 113 -7.03 0.65 5.62
CA VAL A 113 -8.09 -0.36 5.40
C VAL A 113 -9.34 -0.02 6.22
N SER A 114 -10.51 -0.06 5.56
CA SER A 114 -11.76 0.37 6.17
C SER A 114 -12.92 -0.58 5.86
N ILE A 115 -12.61 -1.86 5.66
CA ILE A 115 -13.60 -2.88 5.35
C ILE A 115 -13.39 -4.05 6.31
N THR A 116 -14.48 -4.60 6.85
CA THR A 116 -14.41 -5.73 7.78
C THR A 116 -14.13 -7.04 7.05
N LYS A 117 -13.86 -8.10 7.82
CA LYS A 117 -13.54 -9.41 7.27
C LYS A 117 -14.66 -10.00 6.38
N SER A 118 -15.92 -9.67 6.68
CA SER A 118 -17.04 -10.13 5.86
C SER A 118 -17.48 -9.09 4.81
N GLY A 119 -16.62 -8.11 4.55
CA GLY A 119 -16.82 -7.18 3.42
C GLY A 119 -17.65 -5.94 3.70
N ILE A 120 -17.93 -5.67 4.97
CA ILE A 120 -18.78 -4.53 5.34
C ILE A 120 -17.94 -3.25 5.48
N LYS A 121 -18.37 -2.16 4.84
CA LYS A 121 -17.74 -0.86 5.06
C LYS A 121 -17.86 -0.39 6.52
N CYS A 122 -16.73 0.00 7.12
CA CYS A 122 -16.68 0.49 8.48
C CYS A 122 -17.47 1.78 8.67
N GLN A 123 -18.02 1.94 9.87
CA GLN A 123 -18.60 3.20 10.31
C GLN A 123 -17.48 4.13 10.79
N PRO A 124 -17.56 5.43 10.43
CA PRO A 124 -16.66 6.44 11.02
C PRO A 124 -16.66 6.45 12.54
N TRP A 125 -15.48 6.53 13.15
CA TRP A 125 -15.33 6.57 14.60
C TRP A 125 -16.06 7.77 15.22
N SER A 126 -16.23 8.82 14.41
CA SER A 126 -16.92 10.05 14.83
C SER A 126 -18.44 9.94 14.74
N SER A 127 -18.94 9.02 13.91
CA SER A 127 -20.38 8.80 13.77
C SER A 127 -20.95 7.98 14.91
N MET A 128 -22.22 8.22 15.23
CA MET A 128 -22.95 7.41 16.20
C MET A 128 -24.05 6.62 15.49
N ILE A 129 -24.07 6.73 14.15
CA ILE A 129 -25.05 6.05 13.30
C ILE A 129 -24.31 5.07 12.39
N PRO A 130 -24.80 3.81 12.30
CA PRO A 130 -25.95 3.23 13.02
C PRO A 130 -25.68 2.86 14.48
N HIS A 131 -24.40 2.89 14.89
CA HIS A 131 -24.01 2.37 16.21
C HIS A 131 -23.42 3.43 17.13
N GLU A 132 -23.97 3.51 18.34
CA GLU A 132 -23.57 4.50 19.34
C GLU A 132 -22.47 3.92 20.22
N HIS A 133 -21.40 4.68 20.43
CA HIS A 133 -20.20 4.17 21.09
C HIS A 133 -19.37 5.27 21.77
N SER A 134 -18.42 4.84 22.58
CA SER A 134 -17.53 5.77 23.30
C SER A 134 -16.06 5.71 22.83
N PHE A 135 -15.84 5.22 21.62
CA PHE A 135 -14.50 5.20 21.00
C PHE A 135 -14.25 6.46 20.18
N LEU A 136 -14.21 7.59 20.87
CA LEU A 136 -13.96 8.90 20.27
C LEU A 136 -12.47 9.19 20.15
N PRO A 137 -12.06 9.93 19.09
CA PRO A 137 -10.68 10.40 18.95
C PRO A 137 -10.15 11.07 20.23
N SER A 138 -10.92 12.02 20.76
CA SER A 138 -10.55 12.77 21.97
C SER A 138 -10.28 11.88 23.17
N SER A 139 -11.02 10.78 23.27
CA SER A 139 -10.86 9.82 24.35
C SER A 139 -9.70 8.85 24.10
N TYR A 140 -9.18 8.86 22.88
CA TYR A 140 -8.09 7.95 22.51
C TYR A 140 -6.99 8.66 21.71
N ARG A 141 -6.46 9.75 22.25
CA ARG A 141 -5.36 10.49 21.61
C ARG A 141 -4.20 9.55 21.25
N GLY A 142 -3.68 9.72 20.03
CA GLY A 142 -2.57 8.91 19.54
C GLY A 142 -2.94 7.61 18.83
N LYS A 143 -4.19 7.17 19.00
CA LYS A 143 -4.66 5.89 18.44
C LYS A 143 -5.14 5.99 16.99
N ASP A 144 -5.17 7.22 16.46
CA ASP A 144 -5.58 7.53 15.10
C ASP A 144 -6.95 6.94 14.77
N LEU A 145 -7.93 7.23 15.63
CA LEU A 145 -9.31 6.83 15.39
C LEU A 145 -9.97 7.87 14.50
N GLN A 146 -9.40 8.03 13.30
CA GLN A 146 -9.86 8.98 12.28
C GLN A 146 -10.62 8.22 11.21
N GLU A 147 -11.38 8.96 10.40
CA GLU A 147 -12.19 8.39 9.33
C GLU A 147 -12.95 7.13 9.80
N ASN A 148 -12.96 6.10 8.96
CA ASN A 148 -13.54 4.79 9.30
C ASN A 148 -12.49 3.67 9.20
N TYR A 149 -11.25 3.98 9.60
CA TYR A 149 -10.16 3.02 9.51
C TYR A 149 -10.27 1.92 10.54
N CYS A 150 -9.90 0.71 10.14
CA CYS A 150 -9.76 -0.40 11.06
C CYS A 150 -8.68 -0.07 12.07
N ARG A 151 -9.01 -0.24 13.35
CA ARG A 151 -8.11 0.11 14.44
C ARG A 151 -8.19 -0.86 15.62
N ASN A 152 -7.12 -0.92 16.42
CA ASN A 152 -7.13 -1.75 17.62
C ASN A 152 -6.67 -0.99 18.87
N PRO A 153 -7.41 0.07 19.25
CA PRO A 153 -6.98 1.00 20.31
C PRO A 153 -6.65 0.37 21.68
N ARG A 154 -7.24 -0.78 21.99
CA ARG A 154 -7.01 -1.45 23.27
C ARG A 154 -6.25 -2.77 23.13
N GLY A 155 -5.76 -3.06 21.93
CA GLY A 155 -4.97 -4.27 21.71
C GLY A 155 -5.72 -5.56 21.93
N GLU A 156 -6.91 -5.65 21.34
CA GLU A 156 -7.79 -6.79 21.54
C GLU A 156 -7.50 -7.94 20.58
N GLU A 157 -8.05 -9.11 20.89
CA GLU A 157 -7.61 -10.37 20.29
C GLU A 157 -7.57 -10.45 18.77
N GLY A 158 -8.69 -10.15 18.10
CA GLY A 158 -8.77 -10.36 16.65
C GLY A 158 -8.04 -9.36 15.76
N GLY A 159 -7.31 -8.41 16.36
CA GLY A 159 -6.62 -7.37 15.57
C GLY A 159 -7.51 -6.16 15.32
N PRO A 160 -7.10 -5.27 14.40
CA PRO A 160 -7.90 -4.09 14.10
C PRO A 160 -9.33 -4.43 13.66
N TRP A 161 -10.25 -3.58 14.06
CA TRP A 161 -11.68 -3.82 13.89
C TRP A 161 -12.36 -2.48 13.73
N CYS A 162 -13.67 -2.52 13.48
CA CYS A 162 -14.41 -1.27 13.43
C CYS A 162 -15.89 -1.49 13.74
N PHE A 163 -16.55 -0.38 14.06
CA PHE A 163 -17.99 -0.36 14.05
C PHE A 163 -18.40 -0.42 12.60
N THR A 164 -19.44 -1.18 12.35
CA THR A 164 -19.83 -1.57 11.02
C THR A 164 -20.96 -0.67 10.51
N SER A 165 -20.99 -0.39 9.21
CA SER A 165 -22.07 0.40 8.62
C SER A 165 -23.40 -0.38 8.51
N ASN A 166 -23.34 -1.70 8.63
CA ASN A 166 -24.54 -2.54 8.70
C ASN A 166 -25.13 -2.48 10.10
N PRO A 167 -26.38 -1.99 10.23
CA PRO A 167 -27.03 -1.90 11.55
C PRO A 167 -27.20 -3.24 12.28
N GLU A 168 -27.14 -4.36 11.53
CA GLU A 168 -27.26 -5.70 12.10
C GLU A 168 -25.97 -6.17 12.78
N VAL A 169 -24.86 -5.52 12.46
CA VAL A 169 -23.55 -5.95 12.94
C VAL A 169 -22.86 -4.78 13.63
N ARG A 170 -22.91 -4.74 14.96
CA ARG A 170 -22.34 -3.63 15.72
C ARG A 170 -20.86 -3.39 15.37
N TYR A 171 -20.05 -4.43 15.53
CA TYR A 171 -18.63 -4.36 15.25
C TYR A 171 -18.13 -5.70 14.71
N GLU A 172 -17.01 -5.65 13.99
CA GLU A 172 -16.39 -6.86 13.44
C GLU A 172 -14.93 -6.54 13.17
N VAL A 173 -14.06 -7.54 13.32
CA VAL A 173 -12.66 -7.35 12.93
C VAL A 173 -12.55 -7.21 11.43
N CYS A 174 -11.46 -6.57 11.02
CA CYS A 174 -11.09 -6.48 9.62
C CYS A 174 -10.19 -7.67 9.31
N ASP A 175 -9.54 -7.66 8.16
CA ASP A 175 -8.78 -8.83 7.73
C ASP A 175 -7.34 -8.41 7.37
N ILE A 176 -6.74 -7.60 8.25
CA ILE A 176 -5.38 -7.12 7.99
C ILE A 176 -4.40 -8.25 8.32
N PRO A 177 -3.50 -8.59 7.37
CA PRO A 177 -2.66 -9.76 7.66
C PRO A 177 -1.61 -9.49 8.73
N GLN A 178 -1.21 -10.55 9.44
CA GLN A 178 0.01 -10.50 10.26
C GLN A 178 1.22 -10.33 9.36
N CYS A 179 2.22 -9.59 9.82
CA CYS A 179 3.47 -9.46 9.07
C CYS A 179 4.15 -10.81 8.88
N SER A 180 3.83 -11.77 9.75
CA SER A 180 4.41 -13.11 9.71
C SER A 180 3.63 -14.11 8.86
N GLU A 181 2.52 -13.67 8.30
CA GLU A 181 1.63 -14.55 7.51
C GLU A 181 2.30 -15.13 6.26
N VAL A 182 3.17 -14.33 5.63
CA VAL A 182 3.84 -14.69 4.38
C VAL A 182 5.34 -14.76 4.66
N GLU A 183 6.04 -15.62 3.92
CA GLU A 183 7.51 -15.78 4.01
C GLU A 183 8.26 -14.67 4.76
N ASN B 10 -11.60 5.55 -11.41
CA ASN B 10 -10.76 4.54 -12.14
C ASN B 10 -9.51 4.22 -11.34
N THR B 11 -9.58 3.11 -10.61
CA THR B 11 -8.55 2.73 -9.64
C THR B 11 -7.63 1.61 -10.12
N ILE B 12 -7.77 1.20 -11.39
CA ILE B 12 -7.06 0.01 -11.89
C ILE B 12 -5.53 0.15 -11.83
N HIS B 13 -5.05 1.38 -12.08
CA HIS B 13 -3.62 1.67 -12.04
C HIS B 13 -3.01 1.50 -10.65
N GLU B 14 -3.87 1.44 -9.64
CA GLU B 14 -3.46 1.28 -8.24
C GLU B 14 -3.12 -0.17 -7.84
N PHE B 15 -3.44 -1.13 -8.71
CA PHE B 15 -3.20 -2.56 -8.41
C PHE B 15 -1.87 -3.02 -9.00
N LYS B 16 -1.30 -4.10 -8.45
CA LYS B 16 -0.14 -4.74 -9.05
C LYS B 16 -0.62 -5.76 -10.09
N LYS B 17 -0.20 -5.57 -11.33
CA LYS B 17 -0.75 -6.37 -12.44
C LYS B 17 0.20 -7.51 -12.81
N SER B 18 -0.34 -8.71 -12.97
CA SER B 18 0.42 -9.84 -13.51
C SER B 18 -0.29 -10.39 -14.73
N ALA B 19 0.31 -10.24 -15.91
CA ALA B 19 -0.33 -10.66 -17.16
C ALA B 19 -0.41 -12.17 -17.32
N LYS B 20 -1.43 -12.63 -18.06
CA LYS B 20 -1.59 -14.06 -18.41
C LYS B 20 -1.68 -14.97 -17.19
N THR B 21 -2.38 -14.50 -16.16
CA THR B 21 -2.42 -15.16 -14.89
C THR B 21 -3.80 -15.05 -14.25
N THR B 22 -4.29 -16.18 -13.77
CA THR B 22 -5.43 -16.23 -12.88
C THR B 22 -5.00 -17.01 -11.64
N LEU B 23 -5.90 -17.15 -10.67
CA LEU B 23 -5.64 -17.91 -9.45
C LEU B 23 -6.72 -18.98 -9.27
N ILE B 24 -6.29 -20.14 -8.79
CA ILE B 24 -7.18 -21.25 -8.49
C ILE B 24 -7.02 -21.63 -7.03
N LYS B 25 -8.13 -21.92 -6.36
CA LYS B 25 -8.09 -22.32 -4.96
C LYS B 25 -8.07 -23.83 -4.83
N ILE B 26 -7.00 -24.37 -4.27
CA ILE B 26 -6.92 -25.81 -3.97
C ILE B 26 -7.88 -26.14 -2.84
N ASP B 27 -7.90 -25.27 -1.82
CA ASP B 27 -8.83 -25.37 -0.71
C ASP B 27 -10.23 -24.99 -1.20
N PRO B 28 -11.15 -25.97 -1.23
CA PRO B 28 -12.50 -25.69 -1.74
C PRO B 28 -13.29 -24.75 -0.83
N ALA B 29 -12.85 -24.63 0.43
CA ALA B 29 -13.50 -23.76 1.42
C ALA B 29 -13.47 -22.28 1.04
N LEU B 30 -12.37 -21.84 0.43
CA LEU B 30 -12.19 -20.44 0.04
C LEU B 30 -13.30 -19.95 -0.89
N LYS B 31 -13.67 -18.68 -0.76
CA LYS B 31 -14.81 -18.14 -1.50
C LYS B 31 -14.38 -17.25 -2.66
N ILE B 32 -15.20 -17.23 -3.71
CA ILE B 32 -14.98 -16.38 -4.89
C ILE B 32 -16.32 -15.72 -5.26
N LYS B 33 -16.26 -14.59 -5.94
CA LYS B 33 -17.43 -14.01 -6.57
C LYS B 33 -17.08 -13.59 -8.01
N THR B 34 -18.02 -13.79 -8.93
CA THR B 34 -17.77 -13.52 -10.35
C THR B 34 -18.93 -12.76 -10.96
N LYS B 35 -18.63 -11.98 -12.00
CA LYS B 35 -19.68 -11.26 -12.74
C LYS B 35 -19.24 -10.90 -14.15
N LYS B 36 -20.18 -11.04 -15.09
CA LYS B 36 -19.96 -10.61 -16.47
C LYS B 36 -19.98 -9.09 -16.55
N VAL B 37 -18.98 -8.54 -17.22
CA VAL B 37 -18.71 -7.11 -17.20
C VAL B 37 -18.29 -6.64 -18.60
N ASN B 38 -18.06 -5.35 -18.78
CA ASN B 38 -17.51 -4.86 -20.05
C ASN B 38 -15.99 -4.73 -20.03
N THR B 39 -15.46 -4.11 -18.99
CA THR B 39 -14.02 -3.79 -18.95
C THR B 39 -13.36 -4.05 -17.58
N ALA B 40 -12.04 -4.25 -17.59
CA ALA B 40 -11.28 -4.51 -16.35
C ALA B 40 -11.39 -3.38 -15.27
N ASP B 41 -11.53 -2.13 -15.70
CA ASP B 41 -11.69 -1.03 -14.71
C ASP B 41 -12.95 -1.21 -13.86
N GLN B 42 -13.95 -1.88 -14.43
CA GLN B 42 -15.17 -2.14 -13.67
C GLN B 42 -14.90 -3.13 -12.54
N CYS B 43 -14.03 -4.11 -12.77
CA CYS B 43 -13.65 -5.03 -11.70
C CYS B 43 -12.86 -4.28 -10.62
N ALA B 44 -11.96 -3.40 -11.06
CA ALA B 44 -11.11 -2.61 -10.15
C ALA B 44 -11.94 -1.74 -9.22
N ASN B 45 -12.92 -1.05 -9.81
CA ASN B 45 -13.78 -0.17 -9.04
C ASN B 45 -14.50 -0.92 -7.91
N ARG B 46 -15.09 -2.07 -8.25
CA ARG B 46 -15.83 -2.85 -7.27
C ARG B 46 -14.91 -3.42 -6.19
N CYS B 47 -13.68 -3.80 -6.57
CA CYS B 47 -12.72 -4.29 -5.57
C CYS B 47 -12.31 -3.18 -4.60
N THR B 48 -11.95 -2.02 -5.14
CA THR B 48 -11.48 -0.90 -4.33
C THR B 48 -12.55 -0.45 -3.34
N ARG B 49 -13.79 -0.35 -3.84
CA ARG B 49 -14.94 0.02 -3.03
C ARG B 49 -15.41 -1.11 -2.11
N ASN B 50 -15.13 -2.36 -2.52
CA ASN B 50 -15.59 -3.57 -1.81
C ASN B 50 -17.11 -3.60 -1.67
N LYS B 51 -17.79 -3.21 -2.74
CA LYS B 51 -19.24 -3.10 -2.71
C LYS B 51 -19.89 -4.38 -3.24
N GLY B 52 -20.81 -4.92 -2.44
CA GLY B 52 -21.54 -6.15 -2.77
C GLY B 52 -20.69 -7.41 -2.78
N LEU B 53 -19.60 -7.41 -2.02
CA LEU B 53 -18.78 -8.61 -1.85
C LEU B 53 -18.85 -9.05 -0.40
N PRO B 54 -19.14 -10.34 -0.15
CA PRO B 54 -19.27 -10.88 1.23
C PRO B 54 -17.93 -11.23 1.89
N PHE B 55 -16.90 -10.46 1.57
CA PHE B 55 -15.53 -10.73 2.01
C PHE B 55 -14.65 -9.53 1.65
N THR B 56 -13.42 -9.53 2.15
CA THR B 56 -12.46 -8.47 1.84
C THR B 56 -11.76 -8.80 0.52
N CYS B 57 -11.92 -7.92 -0.47
CA CYS B 57 -11.34 -8.12 -1.79
C CYS B 57 -9.84 -7.82 -1.76
N LYS B 58 -9.02 -8.83 -2.01
CA LYS B 58 -7.56 -8.66 -1.97
C LYS B 58 -6.96 -8.73 -3.38
N ALA B 59 -7.76 -9.20 -4.33
CA ALA B 59 -7.31 -9.35 -5.68
C ALA B 59 -8.50 -9.61 -6.61
N PHE B 60 -8.29 -9.35 -7.88
CA PHE B 60 -9.26 -9.73 -8.90
C PHE B 60 -8.58 -10.14 -10.19
N VAL B 61 -9.31 -10.91 -10.98
CA VAL B 61 -8.85 -11.25 -12.32
C VAL B 61 -9.88 -10.72 -13.32
N PHE B 62 -9.41 -10.15 -14.42
CA PHE B 62 -10.27 -9.92 -15.57
C PHE B 62 -10.01 -10.97 -16.64
N ASP B 63 -11.08 -11.64 -17.07
CA ASP B 63 -11.05 -12.63 -18.16
C ASP B 63 -11.46 -11.89 -19.43
N LYS B 64 -10.50 -11.59 -20.30
CA LYS B 64 -10.77 -10.79 -21.49
C LYS B 64 -11.58 -11.54 -22.56
N ALA B 65 -11.56 -12.87 -22.52
CA ALA B 65 -12.30 -13.68 -23.50
C ALA B 65 -13.77 -13.86 -23.10
N ARG B 66 -14.02 -14.00 -21.79
CA ARG B 66 -15.36 -14.28 -21.27
C ARG B 66 -15.98 -13.06 -20.62
N LYS B 67 -15.20 -11.98 -20.57
CA LYS B 67 -15.65 -10.66 -20.11
C LYS B 67 -16.16 -10.73 -18.67
N GLN B 68 -15.37 -11.35 -17.82
CA GLN B 68 -15.77 -11.62 -16.47
C GLN B 68 -14.80 -11.02 -15.48
N CYS B 69 -15.34 -10.57 -14.35
CA CYS B 69 -14.53 -10.29 -13.16
C CYS B 69 -14.61 -11.49 -12.23
N LEU B 70 -13.49 -11.81 -11.60
CA LEU B 70 -13.42 -12.78 -10.52
C LEU B 70 -12.78 -12.07 -9.33
N TRP B 71 -13.56 -11.85 -8.27
CA TRP B 71 -13.02 -11.17 -7.08
C TRP B 71 -12.63 -12.18 -6.01
N PHE B 72 -11.47 -11.98 -5.36
CA PHE B 72 -10.96 -12.96 -4.40
C PHE B 72 -10.67 -12.38 -3.02
N PRO B 73 -10.92 -13.16 -1.95
CA PRO B 73 -10.51 -12.77 -0.60
C PRO B 73 -9.09 -13.26 -0.31
N PHE B 74 -8.29 -13.37 -1.37
CA PHE B 74 -6.93 -13.84 -1.28
C PHE B 74 -6.12 -13.27 -2.44
N ASN B 75 -4.80 -13.47 -2.40
CA ASN B 75 -3.92 -13.14 -3.52
C ASN B 75 -2.98 -14.30 -3.87
N SER B 76 -2.04 -14.07 -4.79
CA SER B 76 -1.17 -15.12 -5.28
C SER B 76 -0.23 -15.71 -4.21
N MET B 77 -0.13 -15.05 -3.06
CA MET B 77 0.74 -15.49 -1.97
C MET B 77 -0.01 -16.12 -0.79
N SER B 78 -1.33 -16.22 -0.91
CA SER B 78 -2.17 -16.83 0.13
C SER B 78 -2.03 -18.34 0.17
N SER B 79 -2.16 -18.91 1.38
CA SER B 79 -2.18 -20.37 1.52
C SER B 79 -3.39 -20.94 0.80
N GLY B 80 -3.20 -22.09 0.15
CA GLY B 80 -4.32 -22.78 -0.49
C GLY B 80 -4.73 -22.27 -1.86
N VAL B 81 -3.90 -21.41 -2.46
CA VAL B 81 -4.15 -20.94 -3.82
C VAL B 81 -2.87 -21.04 -4.68
N LYS B 82 -3.06 -21.22 -5.98
CA LYS B 82 -1.94 -21.34 -6.90
C LYS B 82 -2.24 -20.52 -8.14
N LYS B 83 -1.19 -20.12 -8.85
CA LYS B 83 -1.36 -19.44 -10.13
C LYS B 83 -1.72 -20.45 -11.21
N GLU B 84 -2.46 -19.97 -12.20
CA GLU B 84 -2.71 -20.73 -13.42
C GLU B 84 -2.45 -19.84 -14.61
N PHE B 85 -1.81 -20.40 -15.64
CA PHE B 85 -1.55 -19.65 -16.87
C PHE B 85 -2.78 -19.59 -17.75
N GLY B 86 -2.95 -18.46 -18.42
CA GLY B 86 -4.00 -18.32 -19.42
C GLY B 86 -3.85 -16.99 -20.14
N HIS B 87 -3.81 -17.06 -21.47
CA HIS B 87 -3.70 -15.86 -22.29
C HIS B 87 -4.83 -14.87 -22.06
N GLU B 88 -6.01 -15.37 -21.68
CA GLU B 88 -7.17 -14.50 -21.52
C GLU B 88 -7.21 -13.75 -20.17
N PHE B 89 -6.34 -14.12 -19.23
CA PHE B 89 -6.44 -13.58 -17.86
C PHE B 89 -5.39 -12.53 -17.54
N ASP B 90 -5.80 -11.48 -16.82
CA ASP B 90 -4.84 -10.61 -16.14
C ASP B 90 -5.20 -10.59 -14.65
N LEU B 91 -4.17 -10.72 -13.80
CA LEU B 91 -4.37 -10.66 -12.36
C LEU B 91 -4.03 -9.28 -11.80
N TYR B 92 -4.89 -8.77 -10.93
CA TYR B 92 -4.65 -7.48 -10.29
C TYR B 92 -4.74 -7.67 -8.79
N GLU B 93 -3.63 -7.38 -8.10
CA GLU B 93 -3.58 -7.61 -6.67
C GLU B 93 -3.62 -6.29 -5.93
N ASN B 94 -4.52 -6.20 -4.95
CA ASN B 94 -4.69 -5.03 -4.10
C ASN B 94 -3.43 -4.79 -3.27
N LYS B 95 -2.80 -3.64 -3.46
CA LYS B 95 -1.54 -3.36 -2.77
C LYS B 95 -1.65 -3.30 -1.25
N ASP B 96 -2.86 -3.13 -0.72
CA ASP B 96 -3.06 -3.15 0.73
C ASP B 96 -2.84 -4.52 1.34
N TYR B 97 -2.74 -5.54 0.49
CA TYR B 97 -2.56 -6.91 0.98
C TYR B 97 -1.26 -7.52 0.49
N ILE B 98 -0.39 -6.67 -0.06
CA ILE B 98 0.98 -7.09 -0.43
C ILE B 98 1.94 -6.39 0.54
N ARG B 99 2.58 -7.17 1.40
CA ARG B 99 3.40 -6.60 2.47
C ARG B 99 4.34 -5.53 1.91
N ASN B 100 4.27 -4.34 2.48
CA ASN B 100 5.05 -3.22 1.93
C ASN B 100 6.32 -2.89 2.73
N CYS B 101 6.60 -3.71 3.74
CA CYS B 101 7.85 -3.59 4.47
C CYS B 101 8.68 -4.86 4.30
N ILE B 102 9.95 -4.77 4.68
CA ILE B 102 10.92 -5.85 4.46
C ILE B 102 11.10 -6.70 5.71
N ILE B 103 11.16 -8.00 5.49
CA ILE B 103 11.58 -8.95 6.52
C ILE B 103 13.01 -9.41 6.21
N GLY B 104 13.91 -9.29 7.19
CA GLY B 104 15.32 -9.67 7.01
C GLY B 104 15.98 -8.79 5.96
N LYS B 105 16.53 -9.42 4.92
CA LYS B 105 17.16 -8.67 3.83
C LYS B 105 16.19 -8.47 2.66
N GLY B 106 14.92 -8.83 2.87
CA GLY B 106 13.90 -8.65 1.84
C GLY B 106 14.00 -9.59 0.65
N ARG B 107 14.54 -10.78 0.87
CA ARG B 107 14.50 -11.83 -0.15
C ARG B 107 13.08 -12.04 -0.67
N SER B 108 12.12 -11.98 0.24
CA SER B 108 10.72 -12.27 -0.08
C SER B 108 9.87 -11.03 -0.39
N TYR B 109 10.52 -9.87 -0.55
CA TYR B 109 9.79 -8.63 -0.85
C TYR B 109 9.12 -8.70 -2.24
N LYS B 110 7.82 -8.41 -2.28
CA LYS B 110 7.02 -8.50 -3.50
C LYS B 110 6.23 -7.21 -3.73
N GLY B 111 6.61 -6.16 -3.00
CA GLY B 111 5.95 -4.86 -3.11
C GLY B 111 6.34 -4.15 -4.40
N THR B 112 5.80 -2.95 -4.62
CA THR B 112 5.93 -2.32 -5.92
C THR B 112 6.85 -1.08 -5.93
N VAL B 113 7.56 -0.81 -4.84
CA VAL B 113 8.49 0.33 -4.83
C VAL B 113 9.48 0.15 -5.98
N SER B 114 9.67 1.21 -6.78
CA SER B 114 10.49 1.13 -8.00
C SER B 114 11.40 2.35 -8.18
N ILE B 115 11.80 2.97 -7.07
CA ILE B 115 12.70 4.12 -7.06
C ILE B 115 13.77 3.83 -6.02
N THR B 116 15.00 4.26 -6.32
CA THR B 116 16.14 4.01 -5.44
C THR B 116 16.19 5.02 -4.31
N LYS B 117 17.07 4.76 -3.35
CA LYS B 117 17.29 5.64 -2.21
C LYS B 117 17.53 7.10 -2.61
N SER B 118 18.22 7.34 -3.73
CA SER B 118 18.51 8.72 -4.12
C SER B 118 17.49 9.27 -5.11
N GLY B 119 16.38 8.55 -5.28
CA GLY B 119 15.29 9.05 -6.10
C GLY B 119 15.35 8.68 -7.57
N ILE B 120 16.19 7.72 -7.95
CA ILE B 120 16.32 7.34 -9.36
C ILE B 120 15.30 6.24 -9.72
N LYS B 121 14.59 6.44 -10.83
CA LYS B 121 13.68 5.41 -11.32
C LYS B 121 14.44 4.15 -11.72
N CYS B 122 13.98 3.00 -11.20
CA CYS B 122 14.59 1.72 -11.51
C CYS B 122 14.49 1.40 -13.00
N GLN B 123 15.52 0.74 -13.51
CA GLN B 123 15.48 0.13 -14.83
C GLN B 123 14.67 -1.19 -14.77
N PRO B 124 13.88 -1.49 -15.82
CA PRO B 124 13.23 -2.81 -15.86
C PRO B 124 14.23 -3.97 -15.87
N TRP B 125 13.91 -5.02 -15.11
CA TRP B 125 14.72 -6.26 -15.07
C TRP B 125 14.87 -6.87 -16.48
N SER B 126 13.84 -6.75 -17.30
CA SER B 126 13.83 -7.35 -18.65
C SER B 126 14.58 -6.51 -19.69
N SER B 127 15.06 -5.34 -19.26
CA SER B 127 15.80 -4.44 -20.13
C SER B 127 17.31 -4.51 -19.87
N MET B 128 18.09 -4.34 -20.93
CA MET B 128 19.54 -4.26 -20.86
C MET B 128 19.98 -2.81 -21.03
N ILE B 129 19.04 -1.88 -20.91
CA ILE B 129 19.31 -0.45 -21.08
C ILE B 129 18.82 0.33 -19.86
N PRO B 130 19.67 1.21 -19.29
CA PRO B 130 21.06 1.51 -19.69
C PRO B 130 22.06 0.40 -19.36
N HIS B 131 21.71 -0.45 -18.39
CA HIS B 131 22.68 -1.41 -17.86
C HIS B 131 22.47 -2.85 -18.31
N GLU B 132 23.48 -3.39 -18.97
CA GLU B 132 23.44 -4.79 -19.38
C GLU B 132 23.74 -5.67 -18.18
N HIS B 133 22.94 -6.71 -17.98
CA HIS B 133 23.02 -7.49 -16.76
C HIS B 133 22.49 -8.89 -17.00
N SER B 134 22.70 -9.78 -16.03
CA SER B 134 22.25 -11.16 -16.16
C SER B 134 21.18 -11.54 -15.13
N PHE B 135 20.51 -10.55 -14.54
CA PHE B 135 19.40 -10.78 -13.61
C PHE B 135 18.08 -10.86 -14.37
N LEU B 136 18.04 -11.78 -15.32
CA LEU B 136 16.84 -12.01 -16.14
C LEU B 136 15.82 -12.73 -15.27
N PRO B 137 14.53 -12.37 -15.42
CA PRO B 137 13.46 -13.02 -14.66
C PRO B 137 13.52 -14.55 -14.75
N SER B 138 13.80 -15.06 -15.94
CA SER B 138 13.87 -16.52 -16.18
C SER B 138 14.97 -17.22 -15.39
N SER B 139 16.03 -16.49 -15.03
CA SER B 139 17.09 -17.02 -14.17
C SER B 139 16.71 -16.98 -12.69
N TYR B 140 15.66 -16.24 -12.37
CA TYR B 140 15.29 -16.03 -10.98
C TYR B 140 13.81 -16.25 -10.73
N ARG B 141 13.33 -17.45 -11.06
CA ARG B 141 11.94 -17.78 -10.80
C ARG B 141 11.72 -17.78 -9.30
N GLY B 142 10.55 -17.31 -8.88
CA GLY B 142 10.26 -17.14 -7.46
C GLY B 142 10.62 -15.78 -6.91
N LYS B 143 11.52 -15.07 -7.59
CA LYS B 143 12.05 -13.81 -7.04
C LYS B 143 11.33 -12.57 -7.58
N ASP B 144 10.33 -12.80 -8.43
CA ASP B 144 9.44 -11.75 -8.96
C ASP B 144 10.21 -10.58 -9.56
N LEU B 145 11.16 -10.86 -10.47
CA LEU B 145 11.89 -9.77 -11.14
C LEU B 145 11.01 -9.21 -12.27
N GLN B 146 9.94 -8.53 -11.87
CA GLN B 146 8.95 -8.01 -12.79
C GLN B 146 9.00 -6.49 -12.88
N GLU B 147 8.58 -5.93 -14.01
CA GLU B 147 8.56 -4.49 -14.23
C GLU B 147 9.93 -3.93 -13.83
N ASN B 148 9.96 -2.88 -13.01
CA ASN B 148 11.21 -2.30 -12.51
C ASN B 148 11.20 -2.24 -10.98
N TYR B 149 10.66 -3.28 -10.33
CA TYR B 149 10.52 -3.27 -8.88
C TYR B 149 11.85 -3.53 -8.18
N CYS B 150 12.05 -2.86 -7.05
CA CYS B 150 13.18 -3.13 -6.15
C CYS B 150 13.08 -4.56 -5.64
N ARG B 151 14.17 -5.31 -5.77
CA ARG B 151 14.19 -6.72 -5.41
C ARG B 151 15.57 -7.09 -4.87
N ASN B 152 15.65 -8.20 -4.13
CA ASN B 152 16.92 -8.70 -3.61
C ASN B 152 17.02 -10.20 -3.93
N PRO B 153 17.12 -10.53 -5.23
CA PRO B 153 17.00 -11.92 -5.70
C PRO B 153 18.06 -12.85 -5.11
N ARG B 154 19.22 -12.31 -4.77
CA ARG B 154 20.31 -13.13 -4.20
C ARG B 154 20.45 -13.04 -2.68
N GLY B 155 19.56 -12.30 -2.01
CA GLY B 155 19.54 -12.24 -0.54
C GLY B 155 20.73 -11.54 0.08
N GLU B 156 21.19 -10.51 -0.60
CA GLU B 156 22.38 -9.76 -0.20
C GLU B 156 22.10 -8.77 0.92
N GLU B 157 23.14 -8.48 1.71
CA GLU B 157 23.00 -7.70 2.93
C GLU B 157 22.42 -6.29 2.76
N GLY B 158 22.57 -5.70 1.58
CA GLY B 158 22.08 -4.35 1.33
C GLY B 158 20.57 -4.19 1.24
N GLY B 159 19.85 -5.29 1.11
CA GLY B 159 18.39 -5.22 0.94
C GLY B 159 18.03 -5.01 -0.52
N PRO B 160 16.72 -4.84 -0.82
CA PRO B 160 16.25 -4.72 -2.20
C PRO B 160 16.92 -3.56 -2.89
N TRP B 161 17.14 -3.73 -4.20
CA TRP B 161 17.90 -2.79 -5.00
C TRP B 161 17.38 -2.93 -6.42
N CYS B 162 17.91 -2.11 -7.32
CA CYS B 162 17.62 -2.27 -8.73
C CYS B 162 18.72 -1.68 -9.58
N PHE B 163 18.80 -2.13 -10.83
CA PHE B 163 19.55 -1.36 -11.81
C PHE B 163 18.78 -0.07 -12.04
N THR B 164 19.53 0.98 -12.35
CA THR B 164 19.08 2.36 -12.30
C THR B 164 18.88 2.91 -13.72
N SER B 165 17.91 3.80 -13.91
CA SER B 165 17.68 4.41 -15.23
C SER B 165 18.69 5.51 -15.58
N ASN B 166 19.52 5.88 -14.59
CA ASN B 166 20.63 6.80 -14.81
C ASN B 166 21.83 5.97 -15.29
N PRO B 167 22.28 6.24 -16.54
CA PRO B 167 23.44 5.52 -17.12
C PRO B 167 24.70 5.59 -16.25
N GLU B 168 24.79 6.62 -15.41
CA GLU B 168 25.97 6.87 -14.57
C GLU B 168 25.95 6.05 -13.28
N VAL B 169 24.80 5.49 -12.94
CA VAL B 169 24.65 4.74 -11.69
C VAL B 169 24.12 3.35 -12.04
N ARG B 170 25.00 2.35 -12.06
CA ARG B 170 24.60 1.03 -12.52
C ARG B 170 23.48 0.44 -11.65
N TYR B 171 23.68 0.44 -10.33
CA TYR B 171 22.66 -0.05 -9.41
C TYR B 171 22.69 0.73 -8.11
N GLU B 172 21.58 0.72 -7.40
CA GLU B 172 21.49 1.35 -6.08
C GLU B 172 20.46 0.63 -5.24
N VAL B 173 20.66 0.61 -3.92
CA VAL B 173 19.63 0.11 -3.01
C VAL B 173 18.40 1.00 -2.99
N CYS B 174 17.26 0.41 -2.64
CA CYS B 174 16.04 1.20 -2.43
C CYS B 174 15.87 1.38 -0.93
N ASP B 175 14.97 2.28 -0.55
CA ASP B 175 14.83 2.72 0.83
C ASP B 175 13.52 2.17 1.40
N ILE B 176 13.45 0.85 1.58
CA ILE B 176 12.18 0.23 2.02
C ILE B 176 12.32 -0.16 3.49
N PRO B 177 11.36 0.27 4.33
CA PRO B 177 11.52 0.08 5.77
C PRO B 177 11.37 -1.36 6.21
N GLN B 178 12.12 -1.72 7.25
CA GLN B 178 11.94 -2.99 7.94
C GLN B 178 10.55 -3.04 8.58
N CYS B 179 9.88 -4.18 8.49
CA CYS B 179 8.59 -4.35 9.19
C CYS B 179 8.73 -4.14 10.70
N SER B 180 9.78 -4.69 11.29
CA SER B 180 10.00 -4.57 12.74
C SER B 180 11.47 -4.62 13.08
N GLU B 181 11.96 -3.55 13.69
CA GLU B 181 13.34 -3.46 14.14
C GLU B 181 13.38 -2.40 15.24
N VAL B 182 13.47 -2.86 16.49
CA VAL B 182 13.39 -1.97 17.65
C VAL B 182 14.74 -1.36 18.04
C1 PIN C . 26.31 -7.06 -10.02
C2 PIN C . 24.90 -7.06 -9.41
N1 PIN C . 25.03 -6.59 -8.04
C3 PIN C . 26.06 -7.12 -7.16
C4 PIN C . 24.06 -5.60 -7.56
C1' PIN C . 23.97 -5.85 -3.28
C2' PIN C . 25.19 -5.30 -4.04
N1' PIN C . 25.12 -5.77 -5.41
C3' PIN C . 23.83 -5.95 -6.09
C4' PIN C . 26.38 -6.07 -6.10
S1 PIN C . 26.35 -6.15 -11.42
S1' PIN C . 23.07 -4.61 -2.65
O1 PIN C . 25.99 -4.74 -11.12
O2 PIN C . 27.73 -6.18 -11.93
O3 PIN C . 25.43 -6.72 -12.40
O1' PIN C . 23.92 -3.76 -1.78
O2' PIN C . 22.53 -3.79 -3.76
O3' PIN C . 21.94 -5.16 -1.86
#